data_2CW8
#
_entry.id   2CW8
#
_cell.length_a   103.970
_cell.length_b   150.540
_cell.length_c   145.490
_cell.angle_alpha   90.00
_cell.angle_beta   90.00
_cell.angle_gamma   90.00
#
_symmetry.space_group_name_H-M   'C 2 2 21'
#
loop_
_entity.id
_entity.type
_entity.pdbx_description
1 polymer 'Endonuclease PI-PkoII'
2 non-polymer 'SULFATE ION'
3 non-polymer GLYCEROL
4 water water
#
_entity_poly.entity_id   1
_entity_poly.type   'polypeptide(L)'
_entity_poly.pdbx_seq_one_letter_code
;SILPEEWLPVLEEGEVHFVRIGELIDR(MSE)(MSE)EENAGKVKREGETEVLEVSGLEVPSFNRRTNKAELKRVKALIR
HDYSGKVYTIRLKSGRRIKITSGHSLFSVRNGELVEVTGDELKPGDLVAVPRRLELPERNHVLNLVELLLGTPEEETLDI
V(MSE)TIPVKGKKNFFKG(MSE)LRTLRWIFGEEKRPRTARRYLRHLEDLGYVRLKKIGYEVLDWDSLKNYRRLYEALV
ENVRYNGNKREYLVEFNSIRDAVGI(MSE)PLKELKEWKIGTLNGFR(MSE)RKLIEVDESLAKLLGYYVSEGYARKQRN
PKNGWSYSVKLYNEDPEVLDD(MSE)ERLASRFFGKVRRGRNYVEIPKKIGYLLFEN(MSE)CGVLAENKRIPEFVFTSP
KGVRLAFLEGYFIGDGDVHPNKRLRLSTKSELLANQLVLLLNSVGVSAVKLGHDSGVYRVYINEELPFVKLDKKKNAYYS
HVIPKEVLSEVFGKVFQKNVSPQTFRK(MSE)VEDGRLDPEKAQRLSWLIEGDVVLDRVESVDVEDYDGYVYDLSVEDNE
NFLVGFGLVYAHN
;
_entity_poly.pdbx_strand_id   A
#
loop_
_chem_comp.id
_chem_comp.type
_chem_comp.name
_chem_comp.formula
GOL non-polymer GLYCEROL 'C3 H8 O3'
SO4 non-polymer 'SULFATE ION' 'O4 S -2'
#
# COMPACT_ATOMS: atom_id res chain seq x y z
N SER A 1 -0.57 -20.33 -17.32
CA SER A 1 0.28 -19.88 -16.18
C SER A 1 0.80 -18.46 -16.44
N ILE A 2 1.12 -17.76 -15.36
CA ILE A 2 1.60 -16.38 -15.42
C ILE A 2 3.12 -16.37 -15.38
N LEU A 3 3.74 -15.43 -16.07
CA LEU A 3 5.20 -15.37 -16.06
C LEU A 3 5.71 -14.81 -14.73
N PRO A 4 6.99 -15.08 -14.41
CA PRO A 4 7.69 -14.66 -13.19
C PRO A 4 7.69 -13.18 -12.80
N GLU A 5 7.87 -12.31 -13.77
CA GLU A 5 7.96 -10.86 -13.51
C GLU A 5 6.65 -10.09 -13.44
N GLU A 6 5.54 -10.79 -13.63
CA GLU A 6 4.24 -10.12 -13.61
C GLU A 6 3.85 -9.62 -12.25
N TRP A 7 3.50 -8.34 -12.15
CA TRP A 7 3.09 -7.75 -10.88
C TRP A 7 1.73 -8.30 -10.48
N LEU A 8 1.51 -8.37 -9.17
CA LEU A 8 0.30 -8.94 -8.62
C LEU A 8 -0.05 -8.22 -7.34
N PRO A 9 -1.29 -7.67 -7.22
CA PRO A 9 -1.69 -6.98 -6.00
C PRO A 9 -2.18 -8.04 -5.05
N VAL A 10 -1.75 -7.98 -3.80
CA VAL A 10 -2.11 -8.98 -2.81
C VAL A 10 -2.38 -8.33 -1.46
N LEU A 11 -3.21 -8.96 -0.63
CA LEU A 11 -3.47 -8.43 0.71
C LEU A 11 -3.02 -9.43 1.76
N GLU A 12 -2.31 -8.94 2.77
CA GLU A 12 -1.85 -9.79 3.86
C GLU A 12 -2.27 -9.15 5.17
N GLU A 13 -3.04 -9.89 5.95
CA GLU A 13 -3.52 -9.38 7.22
C GLU A 13 -4.13 -8.00 7.04
N GLY A 14 -4.88 -7.82 5.96
CA GLY A 14 -5.53 -6.54 5.73
C GLY A 14 -4.79 -5.44 5.00
N GLU A 15 -3.52 -5.65 4.66
CA GLU A 15 -2.75 -4.62 3.94
C GLU A 15 -2.48 -5.05 2.51
N VAL A 16 -2.44 -4.08 1.61
CA VAL A 16 -2.21 -4.32 0.18
C VAL A 16 -0.75 -4.15 -0.22
N HIS A 17 -0.21 -5.17 -0.89
CA HIS A 17 1.18 -5.14 -1.36
C HIS A 17 1.20 -5.50 -2.82
N PHE A 18 2.19 -4.98 -3.54
CA PHE A 18 2.36 -5.35 -4.94
C PHE A 18 3.56 -6.28 -4.91
N VAL A 19 3.45 -7.43 -5.55
CA VAL A 19 4.55 -8.38 -5.58
C VAL A 19 4.71 -8.89 -7.00
N ARG A 20 5.89 -9.41 -7.32
CA ARG A 20 6.11 -10.00 -8.63
C ARG A 20 5.77 -11.44 -8.31
N ILE A 21 4.73 -11.96 -8.94
CA ILE A 21 4.27 -13.31 -8.64
C ILE A 21 5.35 -14.38 -8.48
N GLY A 22 6.43 -14.29 -9.28
CA GLY A 22 7.49 -15.26 -9.17
C GLY A 22 8.18 -15.13 -7.82
N GLU A 23 8.60 -13.92 -7.49
CA GLU A 23 9.27 -13.66 -6.23
C GLU A 23 8.43 -14.12 -5.04
N LEU A 24 7.13 -13.86 -5.09
CA LEU A 24 6.26 -14.28 -4.00
C LEU A 24 6.21 -15.80 -3.91
N ILE A 25 5.95 -16.46 -5.03
CA ILE A 25 5.84 -17.91 -5.00
C ILE A 25 7.17 -18.61 -4.76
N ASP A 26 8.26 -18.04 -5.23
CA ASP A 26 9.56 -18.69 -5.00
C ASP A 26 9.95 -18.58 -3.52
N ARG A 27 9.79 -17.39 -2.96
CA ARG A 27 10.14 -17.11 -1.56
C ARG A 27 9.34 -17.97 -0.61
N MSE A 28 8.04 -18.07 -0.85
CA MSE A 28 7.16 -18.87 -0.03
C MSE A 28 7.59 -20.33 0.00
O MSE A 28 7.74 -20.92 1.07
CB MSE A 28 5.73 -18.79 -0.57
CG MSE A 28 5.05 -17.47 -0.34
SE MSE A 28 4.48 -17.25 1.48
CE MSE A 28 6.12 -16.50 2.23
N MSE A 29 7.76 -20.90 -1.18
CA MSE A 29 8.14 -22.30 -1.32
C MSE A 29 9.46 -22.64 -0.65
O MSE A 29 9.65 -23.75 -0.19
CB MSE A 29 8.17 -22.71 -2.79
CG MSE A 29 6.86 -22.53 -3.51
SE MSE A 29 6.74 -23.53 -5.18
CE MSE A 29 4.98 -24.34 -4.94
N GLU A 30 10.37 -21.67 -0.63
CA GLU A 30 11.69 -21.89 -0.02
C GLU A 30 11.57 -21.91 1.50
N GLU A 31 10.71 -21.05 2.04
CA GLU A 31 10.52 -20.96 3.48
C GLU A 31 9.51 -21.99 4.01
N ASN A 32 9.00 -22.84 3.12
CA ASN A 32 8.03 -23.87 3.49
C ASN A 32 8.30 -25.14 2.70
N ALA A 33 9.57 -25.34 2.36
CA ALA A 33 10.01 -26.49 1.57
C ALA A 33 9.27 -27.78 1.92
N GLY A 34 9.15 -28.08 3.20
CA GLY A 34 8.48 -29.29 3.64
C GLY A 34 7.05 -29.43 3.14
N LYS A 35 6.23 -28.42 3.37
CA LYS A 35 4.84 -28.45 2.92
C LYS A 35 4.61 -28.52 1.41
N VAL A 36 5.62 -28.17 0.59
CA VAL A 36 5.51 -28.17 -0.89
C VAL A 36 5.37 -29.62 -1.42
N LYS A 37 4.15 -29.97 -1.85
CA LYS A 37 3.89 -31.28 -2.42
C LYS A 37 4.34 -31.10 -3.86
N ARG A 38 4.54 -32.21 -4.57
CA ARG A 38 5.02 -32.12 -5.95
C ARG A 38 4.57 -33.30 -6.79
N GLU A 39 3.97 -32.99 -7.94
CA GLU A 39 3.53 -34.02 -8.85
C GLU A 39 4.27 -33.87 -10.16
N GLY A 40 5.53 -34.34 -10.13
CA GLY A 40 6.40 -34.29 -11.29
C GLY A 40 7.01 -32.93 -11.57
N GLU A 41 6.40 -32.25 -12.53
CA GLU A 41 6.85 -30.92 -12.96
C GLU A 41 6.19 -29.78 -12.19
N THR A 42 5.06 -30.08 -11.56
CA THR A 42 4.30 -29.08 -10.81
C THR A 42 4.59 -29.14 -9.31
N GLU A 43 4.59 -27.97 -8.68
CA GLU A 43 4.84 -27.83 -7.25
C GLU A 43 3.69 -27.02 -6.63
N VAL A 44 2.92 -27.63 -5.72
CA VAL A 44 1.81 -26.93 -5.09
C VAL A 44 2.07 -26.67 -3.60
N LEU A 45 1.84 -25.44 -3.16
CA LEU A 45 2.04 -25.09 -1.75
C LEU A 45 0.80 -24.43 -1.17
N GLU A 46 0.01 -25.20 -0.43
CA GLU A 46 -1.19 -24.65 0.18
C GLU A 46 -0.78 -23.59 1.18
N VAL A 47 -1.56 -22.51 1.25
CA VAL A 47 -1.24 -21.42 2.16
C VAL A 47 -2.49 -20.77 2.71
N SER A 48 -2.28 -19.91 3.69
CA SER A 48 -3.37 -19.15 4.30
C SER A 48 -2.71 -17.81 4.59
N GLY A 49 -3.52 -16.78 4.83
CA GLY A 49 -2.94 -15.48 5.11
C GLY A 49 -2.87 -14.58 3.89
N LEU A 50 -3.15 -15.15 2.71
CA LEU A 50 -3.14 -14.38 1.48
C LEU A 50 -4.54 -14.19 0.90
N GLU A 51 -4.76 -13.02 0.33
CA GLU A 51 -6.03 -12.66 -0.28
C GLU A 51 -5.75 -11.86 -1.53
N VAL A 52 -6.57 -12.05 -2.57
CA VAL A 52 -6.39 -11.33 -3.82
C VAL A 52 -7.71 -10.76 -4.33
N PRO A 53 -7.65 -9.65 -5.08
CA PRO A 53 -8.89 -9.10 -5.59
C PRO A 53 -9.39 -9.92 -6.78
N SER A 54 -10.67 -10.25 -6.76
CA SER A 54 -11.28 -11.03 -7.86
C SER A 54 -12.70 -10.50 -8.07
N PHE A 55 -13.39 -11.04 -9.07
CA PHE A 55 -14.76 -10.61 -9.32
C PHE A 55 -15.69 -11.82 -9.22
N ASN A 56 -16.88 -11.62 -8.68
CA ASN A 56 -17.84 -12.70 -8.54
C ASN A 56 -18.22 -13.25 -9.92
N ARG A 57 -18.01 -14.55 -10.12
CA ARG A 57 -18.32 -15.16 -11.41
C ARG A 57 -19.73 -14.93 -11.92
N ARG A 58 -20.68 -14.75 -11.01
CA ARG A 58 -22.07 -14.53 -11.39
C ARG A 58 -22.44 -13.04 -11.48
N THR A 59 -22.28 -12.30 -10.39
CA THR A 59 -22.63 -10.89 -10.40
C THR A 59 -21.54 -10.02 -11.04
N ASN A 60 -20.32 -10.53 -11.05
CA ASN A 60 -19.17 -9.82 -11.60
C ASN A 60 -18.77 -8.61 -10.76
N LYS A 61 -19.10 -8.63 -9.48
CA LYS A 61 -18.73 -7.52 -8.61
C LYS A 61 -17.38 -7.77 -7.94
N ALA A 62 -16.69 -6.68 -7.62
CA ALA A 62 -15.38 -6.77 -6.99
C ALA A 62 -15.48 -7.33 -5.57
N GLU A 63 -14.66 -8.34 -5.29
CA GLU A 63 -14.63 -8.95 -3.97
C GLU A 63 -13.28 -9.64 -3.75
N LEU A 64 -12.75 -9.53 -2.52
CA LEU A 64 -11.47 -10.16 -2.18
C LEU A 64 -11.71 -11.63 -1.86
N LYS A 65 -10.74 -12.48 -2.17
CA LYS A 65 -10.90 -13.90 -1.89
C LYS A 65 -9.63 -14.57 -1.36
N ARG A 66 -9.84 -15.66 -0.65
CA ARG A 66 -8.74 -16.41 -0.08
C ARG A 66 -7.93 -17.07 -1.20
N VAL A 67 -6.60 -17.05 -1.07
CA VAL A 67 -5.73 -17.72 -2.02
C VAL A 67 -5.52 -19.11 -1.40
N LYS A 68 -6.11 -20.14 -2.00
CA LYS A 68 -5.99 -21.49 -1.46
C LYS A 68 -4.56 -22.01 -1.51
N ALA A 69 -3.90 -21.86 -2.66
CA ALA A 69 -2.55 -22.35 -2.82
C ALA A 69 -1.77 -21.55 -3.86
N LEU A 70 -0.46 -21.78 -3.89
CA LEU A 70 0.46 -21.16 -4.84
C LEU A 70 0.99 -22.31 -5.67
N ILE A 71 1.13 -22.12 -6.97
CA ILE A 71 1.60 -23.21 -7.83
C ILE A 71 2.79 -22.80 -8.68
N ARG A 72 3.60 -23.78 -9.09
CA ARG A 72 4.78 -23.53 -9.91
C ARG A 72 5.01 -24.73 -10.83
N HIS A 73 4.95 -24.49 -12.14
CA HIS A 73 5.17 -25.54 -13.14
C HIS A 73 6.48 -25.17 -13.80
N ASP A 74 7.27 -26.17 -14.22
CA ASP A 74 8.48 -25.84 -14.93
C ASP A 74 7.97 -25.85 -16.36
N TYR A 75 8.14 -24.72 -17.05
CA TYR A 75 7.61 -24.54 -18.39
C TYR A 75 8.64 -24.43 -19.51
N SER A 76 8.24 -24.99 -20.66
CA SER A 76 9.03 -24.94 -21.88
C SER A 76 8.04 -24.84 -23.04
N GLY A 77 7.92 -23.65 -23.60
CA GLY A 77 6.98 -23.47 -24.71
C GLY A 77 6.80 -22.02 -25.11
N LYS A 78 5.61 -21.69 -25.58
CA LYS A 78 5.30 -20.33 -26.01
C LYS A 78 4.65 -19.44 -24.95
N VAL A 79 5.07 -18.18 -24.91
CA VAL A 79 4.50 -17.24 -23.98
C VAL A 79 3.98 -16.07 -24.82
N TYR A 80 2.86 -15.50 -24.38
CA TYR A 80 2.23 -14.41 -25.09
C TYR A 80 2.16 -13.12 -24.27
N THR A 81 2.68 -12.03 -24.81
CA THR A 81 2.57 -10.76 -24.08
C THR A 81 1.36 -10.08 -24.70
N ILE A 82 0.32 -9.90 -23.89
CA ILE A 82 -0.91 -9.25 -24.32
C ILE A 82 -0.93 -7.78 -23.99
N ARG A 83 -1.10 -6.95 -25.01
CA ARG A 83 -1.15 -5.51 -24.83
C ARG A 83 -2.53 -4.95 -25.17
N LEU A 84 -3.12 -4.27 -24.21
CA LEU A 84 -4.42 -3.69 -24.35
C LEU A 84 -4.28 -2.26 -24.83
N LYS A 85 -5.29 -1.79 -25.56
CA LYS A 85 -5.28 -0.44 -26.10
C LYS A 85 -5.19 0.59 -24.99
N SER A 86 -5.53 0.17 -23.77
CA SER A 86 -5.52 1.06 -22.61
C SER A 86 -4.15 1.27 -22.01
N GLY A 87 -3.21 0.37 -22.32
CA GLY A 87 -1.87 0.48 -21.79
C GLY A 87 -1.53 -0.71 -20.91
N ARG A 88 -2.56 -1.44 -20.49
CA ARG A 88 -2.36 -2.61 -19.65
C ARG A 88 -1.56 -3.63 -20.46
N ARG A 89 -0.79 -4.46 -19.75
CA ARG A 89 0.03 -5.48 -20.37
C ARG A 89 0.11 -6.70 -19.47
N ILE A 90 0.08 -7.89 -20.07
CA ILE A 90 0.17 -9.09 -19.28
C ILE A 90 0.82 -10.17 -20.14
N LYS A 91 1.76 -10.90 -19.55
CA LYS A 91 2.49 -11.97 -20.22
C LYS A 91 2.04 -13.28 -19.60
N ILE A 92 1.57 -14.21 -20.44
CA ILE A 92 1.06 -15.49 -19.95
C ILE A 92 1.43 -16.65 -20.88
N THR A 93 1.29 -17.87 -20.39
CA THR A 93 1.59 -19.03 -21.21
C THR A 93 0.41 -19.23 -22.14
N SER A 94 0.61 -20.02 -23.19
CA SER A 94 -0.42 -20.29 -24.19
C SER A 94 -1.76 -20.84 -23.72
N GLY A 95 -1.78 -21.53 -22.59
CA GLY A 95 -3.03 -22.10 -22.13
C GLY A 95 -3.68 -21.32 -21.02
N HIS A 96 -3.10 -20.18 -20.64
CA HIS A 96 -3.72 -19.40 -19.57
C HIS A 96 -4.91 -18.64 -20.11
N SER A 97 -5.97 -18.56 -19.32
CA SER A 97 -7.16 -17.89 -19.79
C SER A 97 -7.40 -16.51 -19.19
N LEU A 98 -7.83 -15.60 -20.06
CA LEU A 98 -8.18 -14.25 -19.68
C LEU A 98 -9.66 -14.25 -20.04
N PHE A 99 -10.37 -13.16 -19.74
CA PHE A 99 -11.78 -13.14 -20.03
C PHE A 99 -12.21 -12.22 -21.16
N SER A 100 -12.86 -12.80 -22.16
CA SER A 100 -13.34 -12.05 -23.29
C SER A 100 -14.86 -12.21 -23.34
N VAL A 101 -15.50 -11.70 -24.39
CA VAL A 101 -16.95 -11.80 -24.50
C VAL A 101 -17.39 -12.59 -25.70
N ARG A 102 -18.49 -13.33 -25.54
CA ARG A 102 -19.05 -14.14 -26.62
C ARG A 102 -20.54 -14.23 -26.39
N ASN A 103 -21.31 -13.54 -27.22
CA ASN A 103 -22.76 -13.52 -27.12
C ASN A 103 -23.26 -12.90 -25.83
N GLY A 104 -22.74 -11.71 -25.54
CA GLY A 104 -23.16 -10.99 -24.34
C GLY A 104 -22.72 -11.57 -23.03
N GLU A 105 -21.91 -12.62 -23.08
CA GLU A 105 -21.42 -13.24 -21.85
C GLU A 105 -19.91 -13.34 -21.76
N LEU A 106 -19.41 -13.32 -20.53
CA LEU A 106 -17.97 -13.40 -20.27
C LEU A 106 -17.51 -14.85 -20.39
N VAL A 107 -16.64 -15.10 -21.37
CA VAL A 107 -16.10 -16.44 -21.53
C VAL A 107 -14.60 -16.33 -21.39
N GLU A 108 -13.94 -17.48 -21.26
CA GLU A 108 -12.50 -17.54 -21.10
C GLU A 108 -11.80 -17.70 -22.45
N VAL A 109 -10.77 -16.91 -22.70
CA VAL A 109 -10.03 -17.06 -23.95
C VAL A 109 -8.58 -17.28 -23.58
N THR A 110 -8.00 -18.35 -24.10
CA THR A 110 -6.62 -18.69 -23.77
C THR A 110 -5.61 -17.78 -24.43
N GLY A 111 -4.41 -17.74 -23.86
CA GLY A 111 -3.37 -16.90 -24.40
C GLY A 111 -3.04 -17.16 -25.87
N ASP A 112 -3.07 -18.43 -26.27
CA ASP A 112 -2.75 -18.75 -27.65
C ASP A 112 -3.93 -18.53 -28.57
N GLU A 113 -5.03 -18.02 -28.01
CA GLU A 113 -6.24 -17.80 -28.78
C GLU A 113 -6.50 -16.32 -29.00
N LEU A 114 -6.12 -15.50 -28.03
CA LEU A 114 -6.32 -14.06 -28.10
C LEU A 114 -5.69 -13.43 -29.32
N LYS A 115 -6.44 -12.53 -29.97
CA LYS A 115 -5.98 -11.80 -31.17
C LYS A 115 -6.24 -10.32 -30.98
N PRO A 116 -5.51 -9.47 -31.71
CA PRO A 116 -5.74 -8.04 -31.56
C PRO A 116 -7.22 -7.84 -31.83
N GLY A 117 -7.85 -6.91 -31.12
CA GLY A 117 -9.26 -6.69 -31.36
C GLY A 117 -10.17 -7.30 -30.32
N ASP A 118 -9.76 -8.42 -29.73
CA ASP A 118 -10.57 -9.08 -28.72
C ASP A 118 -10.78 -8.18 -27.50
N LEU A 119 -11.94 -8.32 -26.86
CA LEU A 119 -12.28 -7.54 -25.68
C LEU A 119 -11.83 -8.33 -24.47
N VAL A 120 -11.13 -7.66 -23.53
CA VAL A 120 -10.64 -8.33 -22.34
C VAL A 120 -11.17 -7.69 -21.05
N ALA A 121 -11.61 -8.51 -20.11
CA ALA A 121 -12.14 -8.01 -18.84
C ALA A 121 -11.04 -7.27 -18.07
N VAL A 122 -11.42 -6.22 -17.35
CA VAL A 122 -10.50 -5.41 -16.59
C VAL A 122 -11.34 -4.70 -15.53
N PRO A 123 -10.74 -4.33 -14.39
CA PRO A 123 -11.50 -3.66 -13.34
C PRO A 123 -12.12 -2.31 -13.63
N ARG A 124 -13.31 -2.10 -13.09
CA ARG A 124 -14.00 -0.82 -13.23
C ARG A 124 -13.76 -0.08 -11.92
N ARG A 125 -13.70 -0.86 -10.85
CA ARG A 125 -13.45 -0.34 -9.51
C ARG A 125 -13.06 -1.55 -8.69
N LEU A 126 -12.55 -1.32 -7.48
CA LEU A 126 -12.14 -2.40 -6.60
C LEU A 126 -12.72 -2.16 -5.24
N GLU A 127 -12.86 -3.23 -4.46
CA GLU A 127 -13.42 -3.14 -3.11
C GLU A 127 -12.35 -3.64 -2.15
N LEU A 128 -11.53 -2.72 -1.67
CA LEU A 128 -10.48 -3.05 -0.71
C LEU A 128 -11.02 -2.67 0.66
N PRO A 129 -10.57 -3.36 1.73
CA PRO A 129 -11.03 -3.05 3.09
C PRO A 129 -10.77 -1.61 3.54
N GLU A 130 -11.45 -1.22 4.61
CA GLU A 130 -11.32 0.12 5.17
C GLU A 130 -11.12 0.08 6.68
N ARG A 131 -10.05 0.69 7.17
CA ARG A 131 -9.80 0.72 8.59
C ARG A 131 -8.86 1.86 8.95
N ASN A 132 -8.90 2.28 10.20
CA ASN A 132 -8.02 3.35 10.61
C ASN A 132 -6.66 2.71 10.91
N HIS A 133 -5.60 3.39 10.47
CA HIS A 133 -4.24 2.91 10.68
C HIS A 133 -3.49 3.79 11.66
N VAL A 134 -2.50 3.21 12.32
CA VAL A 134 -1.67 3.95 13.27
C VAL A 134 -0.20 3.68 13.00
N LEU A 135 0.54 4.72 12.66
CA LEU A 135 1.96 4.58 12.40
C LEU A 135 2.67 4.40 13.74
N ASN A 136 3.78 3.68 13.70
CA ASN A 136 4.62 3.41 14.88
C ASN A 136 6.03 3.77 14.45
N LEU A 137 6.51 4.94 14.86
CA LEU A 137 7.84 5.39 14.45
C LEU A 137 8.99 4.51 14.89
N VAL A 138 8.82 3.80 16.00
CA VAL A 138 9.87 2.94 16.50
C VAL A 138 10.08 1.82 15.50
N GLU A 139 9.03 1.04 15.23
CA GLU A 139 9.14 -0.04 14.27
C GLU A 139 9.66 0.55 12.98
N LEU A 140 9.12 1.68 12.59
CA LEU A 140 9.58 2.31 11.37
C LEU A 140 11.09 2.48 11.35
N LEU A 141 11.66 3.06 12.40
CA LEU A 141 13.09 3.28 12.43
C LEU A 141 13.89 2.00 12.65
N LEU A 142 13.29 1.02 13.33
CA LEU A 142 13.98 -0.24 13.53
C LEU A 142 14.21 -0.88 12.17
N GLY A 143 13.50 -0.38 11.18
CA GLY A 143 13.66 -0.89 9.82
C GLY A 143 14.54 0.07 9.04
N THR A 144 15.34 0.84 9.77
CA THR A 144 16.23 1.82 9.15
C THR A 144 17.69 1.54 9.48
N PRO A 145 18.61 1.96 8.60
CA PRO A 145 20.03 1.72 8.86
C PRO A 145 20.52 2.55 10.05
N GLU A 146 21.08 1.89 11.06
CA GLU A 146 21.57 2.57 12.25
C GLU A 146 22.36 3.83 11.93
N GLU A 147 22.96 3.87 10.75
CA GLU A 147 23.74 5.04 10.33
C GLU A 147 22.87 6.25 10.06
N GLU A 148 21.55 6.04 10.03
CA GLU A 148 20.62 7.12 9.76
C GLU A 148 19.86 7.59 10.98
N THR A 149 19.98 6.87 12.08
CA THR A 149 19.30 7.24 13.30
C THR A 149 20.33 7.56 14.38
N LEU A 150 21.46 8.13 13.96
CA LEU A 150 22.52 8.45 14.89
C LEU A 150 22.16 9.49 15.95
N ASP A 151 21.52 10.57 15.53
CA ASP A 151 21.17 11.63 16.48
C ASP A 151 19.75 11.50 17.05
N ILE A 152 19.09 10.37 16.78
CA ILE A 152 17.73 10.16 17.28
C ILE A 152 17.76 9.70 18.72
N VAL A 153 16.88 10.30 19.53
CA VAL A 153 16.79 9.95 20.94
C VAL A 153 15.34 9.80 21.32
N MSE A 154 15.08 9.24 22.49
CA MSE A 154 13.72 9.07 22.98
C MSE A 154 13.65 9.65 24.38
O MSE A 154 14.23 9.10 25.33
CB MSE A 154 13.35 7.59 23.01
CG MSE A 154 13.05 7.01 21.63
SE MSE A 154 12.48 5.16 21.74
CE MSE A 154 10.99 5.34 22.96
N THR A 155 12.94 10.77 24.52
CA THR A 155 12.84 11.44 25.80
C THR A 155 11.54 11.16 26.50
N ILE A 156 11.51 11.41 27.80
CA ILE A 156 10.32 11.21 28.61
C ILE A 156 10.43 12.08 29.86
N PRO A 157 9.34 12.76 30.24
CA PRO A 157 9.31 13.64 31.42
C PRO A 157 9.72 12.86 32.68
N VAL A 158 10.50 13.51 33.53
CA VAL A 158 10.94 12.87 34.76
C VAL A 158 9.83 12.81 35.80
N LYS A 159 8.73 13.51 35.55
CA LYS A 159 7.61 13.57 36.49
C LYS A 159 7.27 12.28 37.24
N GLY A 160 6.20 11.61 36.84
CA GLY A 160 5.81 10.39 37.54
C GLY A 160 6.82 9.25 37.52
N LYS A 161 7.91 9.43 36.77
CA LYS A 161 8.92 8.38 36.65
C LYS A 161 10.25 8.69 37.33
N LYS A 162 10.21 9.05 38.61
CA LYS A 162 11.43 9.37 39.35
C LYS A 162 12.25 8.09 39.54
N ASN A 163 13.22 7.85 38.66
CA ASN A 163 14.09 6.66 38.75
C ASN A 163 13.34 5.35 38.47
N PHE A 164 12.33 5.42 37.60
CA PHE A 164 11.49 4.27 37.26
C PHE A 164 12.27 3.05 36.75
N PHE A 165 13.22 3.31 35.86
CA PHE A 165 14.04 2.26 35.27
C PHE A 165 14.76 1.38 36.28
N LYS A 166 15.77 1.94 36.93
CA LYS A 166 16.53 1.22 37.95
C LYS A 166 15.61 0.62 39.01
N GLY A 167 14.46 1.25 39.22
CA GLY A 167 13.53 0.77 40.21
C GLY A 167 12.71 -0.42 39.75
N MSE A 168 12.46 -0.48 38.45
CA MSE A 168 11.71 -1.58 37.88
C MSE A 168 12.65 -2.77 37.75
O MSE A 168 12.29 -3.90 38.03
CB MSE A 168 11.19 -1.22 36.49
CG MSE A 168 10.65 -2.40 35.71
SE MSE A 168 9.05 -3.20 36.45
CE MSE A 168 9.78 -4.57 37.57
N LEU A 169 13.88 -2.48 37.33
CA LEU A 169 14.86 -3.55 37.18
C LEU A 169 15.01 -4.29 38.49
N ARG A 170 15.25 -3.55 39.57
CA ARG A 170 15.40 -4.17 40.88
C ARG A 170 14.24 -5.10 41.20
N THR A 171 13.01 -4.71 40.87
CA THR A 171 11.87 -5.57 41.16
C THR A 171 11.94 -6.85 40.33
N LEU A 172 12.33 -6.70 39.07
CA LEU A 172 12.46 -7.84 38.16
C LEU A 172 13.50 -8.79 38.67
N ARG A 173 14.69 -8.26 38.95
CA ARG A 173 15.79 -9.08 39.47
C ARG A 173 15.29 -9.82 40.70
N TRP A 174 14.48 -9.14 41.52
CA TRP A 174 13.94 -9.77 42.70
C TRP A 174 12.99 -10.88 42.26
N ILE A 175 12.22 -10.60 41.22
CA ILE A 175 11.29 -11.60 40.73
C ILE A 175 12.03 -12.84 40.25
N PHE A 176 13.18 -12.63 39.62
CA PHE A 176 14.01 -13.72 39.10
C PHE A 176 14.88 -14.33 40.19
N GLY A 177 14.71 -13.85 41.42
CA GLY A 177 15.45 -14.37 42.55
C GLY A 177 16.88 -13.92 42.71
N GLU A 178 17.23 -12.77 42.14
CA GLU A 178 18.60 -12.29 42.25
C GLU A 178 18.79 -11.17 43.28
N GLU A 179 17.71 -10.80 43.95
CA GLU A 179 17.76 -9.73 44.96
C GLU A 179 16.65 -9.91 45.97
N LYS A 180 16.81 -9.25 47.11
CA LYS A 180 15.81 -9.31 48.17
C LYS A 180 14.68 -8.40 47.69
N ARG A 181 13.47 -8.65 48.18
CA ARG A 181 12.32 -7.86 47.79
C ARG A 181 12.59 -6.36 48.00
N PRO A 182 12.54 -5.58 46.92
CA PRO A 182 12.78 -4.13 47.00
C PRO A 182 11.76 -3.45 47.87
N ARG A 183 12.03 -2.18 48.18
CA ARG A 183 11.15 -1.37 49.01
C ARG A 183 9.90 -0.88 48.24
N THR A 184 10.09 -0.56 46.96
CA THR A 184 9.01 -0.08 46.10
C THR A 184 8.40 -1.23 45.28
N ALA A 185 8.63 -2.45 45.74
CA ALA A 185 8.14 -3.64 45.04
C ALA A 185 6.73 -3.55 44.45
N ARG A 186 5.72 -3.32 45.29
CA ARG A 186 4.35 -3.27 44.79
C ARG A 186 4.05 -2.14 43.80
N ARG A 187 4.80 -1.03 43.88
CA ARG A 187 4.57 0.08 42.94
C ARG A 187 4.88 -0.39 41.53
N TYR A 188 5.63 -1.48 41.43
CA TYR A 188 6.03 -2.04 40.15
C TYR A 188 5.26 -3.32 39.81
N LEU A 189 5.02 -4.14 40.80
CA LEU A 189 4.27 -5.37 40.58
C LEU A 189 2.92 -5.05 39.94
N ARG A 190 2.32 -3.92 40.31
CA ARG A 190 1.04 -3.53 39.75
C ARG A 190 1.20 -3.24 38.26
N HIS A 191 2.20 -2.42 37.95
CA HIS A 191 2.49 -2.07 36.56
C HIS A 191 2.64 -3.33 35.74
N LEU A 192 3.40 -4.29 36.26
CA LEU A 192 3.61 -5.55 35.55
C LEU A 192 2.28 -6.25 35.32
N GLU A 193 1.42 -6.27 36.34
CA GLU A 193 0.11 -6.89 36.22
C GLU A 193 -0.69 -6.14 35.17
N ASP A 194 -0.53 -4.82 35.18
CA ASP A 194 -1.22 -3.96 34.23
C ASP A 194 -0.79 -4.37 32.82
N LEU A 195 0.49 -4.75 32.66
CA LEU A 195 1.01 -5.18 31.36
C LEU A 195 0.62 -6.63 31.04
N GLY A 196 0.11 -7.34 32.06
CA GLY A 196 -0.33 -8.71 31.87
C GLY A 196 0.66 -9.81 32.22
N TYR A 197 1.88 -9.42 32.56
CA TYR A 197 2.95 -10.37 32.90
C TYR A 197 2.71 -11.08 34.23
N VAL A 198 2.27 -10.32 35.22
CA VAL A 198 2.04 -10.86 36.56
C VAL A 198 0.62 -10.70 37.06
N ARG A 199 0.24 -11.57 38.00
CA ARG A 199 -1.07 -11.52 38.60
C ARG A 199 -0.87 -11.13 40.07
N LEU A 200 -1.18 -9.88 40.39
CA LEU A 200 -1.05 -9.40 41.76
C LEU A 200 -2.01 -10.19 42.60
N LYS A 201 -1.52 -10.75 43.69
CA LYS A 201 -2.41 -11.48 44.57
C LYS A 201 -2.44 -10.85 45.95
N LYS A 202 -3.60 -11.03 46.57
CA LYS A 202 -3.92 -10.55 47.90
C LYS A 202 -2.66 -10.35 48.71
N ILE A 203 -1.85 -11.42 48.71
CA ILE A 203 -0.58 -11.50 49.44
C ILE A 203 0.75 -11.24 48.70
N GLY A 204 0.98 -11.92 47.58
CA GLY A 204 2.21 -11.75 46.82
C GLY A 204 1.94 -11.57 45.35
N TYR A 205 2.34 -12.54 44.53
CA TYR A 205 2.11 -12.46 43.09
C TYR A 205 2.32 -13.81 42.41
N GLU A 206 1.90 -13.91 41.16
CA GLU A 206 2.06 -15.15 40.38
C GLU A 206 2.53 -14.75 38.98
N VAL A 207 3.69 -15.26 38.57
CA VAL A 207 4.23 -14.93 37.25
C VAL A 207 3.44 -15.67 36.17
N LEU A 208 2.88 -14.90 35.24
CA LEU A 208 2.07 -15.46 34.16
C LEU A 208 2.83 -15.83 32.90
N ASP A 209 3.82 -15.01 32.55
CA ASP A 209 4.60 -15.25 31.33
C ASP A 209 6.08 -14.96 31.54
N TRP A 210 6.83 -16.00 31.90
CA TRP A 210 8.27 -15.87 32.12
C TRP A 210 9.01 -15.40 30.87
N ASP A 211 8.80 -16.08 29.76
CA ASP A 211 9.47 -15.70 28.52
C ASP A 211 9.30 -14.21 28.25
N SER A 212 8.09 -13.68 28.47
CA SER A 212 7.83 -12.26 28.25
C SER A 212 8.55 -11.38 29.26
N LEU A 213 8.50 -11.79 30.53
CA LEU A 213 9.19 -11.08 31.59
C LEU A 213 10.68 -11.00 31.28
N LYS A 214 11.21 -12.10 30.73
CA LYS A 214 12.62 -12.15 30.37
C LYS A 214 12.97 -11.07 29.36
N ASN A 215 12.10 -10.84 28.38
CA ASN A 215 12.36 -9.80 27.38
C ASN A 215 12.17 -8.42 28.01
N TYR A 216 11.17 -8.31 28.87
CA TYR A 216 10.91 -7.04 29.53
C TYR A 216 12.13 -6.66 30.35
N ARG A 217 12.66 -7.62 31.12
CA ARG A 217 13.85 -7.37 31.93
C ARG A 217 14.94 -6.89 31.00
N ARG A 218 15.17 -7.66 29.95
CA ARG A 218 16.17 -7.35 28.96
C ARG A 218 16.02 -5.92 28.49
N LEU A 219 14.78 -5.44 28.45
CA LEU A 219 14.49 -4.08 28.01
C LEU A 219 14.96 -3.08 29.04
N TYR A 220 14.55 -3.28 30.28
CA TYR A 220 14.95 -2.37 31.32
C TYR A 220 16.44 -2.44 31.63
N GLU A 221 17.05 -3.58 31.32
CA GLU A 221 18.47 -3.71 31.53
C GLU A 221 19.11 -2.73 30.56
N ALA A 222 18.52 -2.64 29.37
CA ALA A 222 19.03 -1.74 28.35
C ALA A 222 18.74 -0.29 28.68
N LEU A 223 17.60 -0.05 29.34
CA LEU A 223 17.23 1.32 29.70
C LEU A 223 18.15 1.87 30.79
N VAL A 224 18.31 1.11 31.87
CA VAL A 224 19.20 1.53 32.96
C VAL A 224 20.62 1.84 32.44
N GLU A 225 21.14 0.97 31.60
CA GLU A 225 22.48 1.15 31.05
C GLU A 225 22.61 2.35 30.11
N ASN A 226 21.52 2.73 29.45
CA ASN A 226 21.58 3.84 28.50
C ASN A 226 20.81 5.12 28.77
N VAL A 227 19.80 5.07 29.63
CA VAL A 227 19.05 6.28 29.92
C VAL A 227 19.91 7.27 30.72
N ARG A 228 19.95 8.51 30.25
CA ARG A 228 20.69 9.57 30.92
C ARG A 228 19.64 10.52 31.46
N TYR A 229 20.09 11.47 32.27
CA TYR A 229 19.19 12.46 32.82
C TYR A 229 19.59 13.77 32.16
N ASN A 230 18.60 14.59 31.82
CA ASN A 230 18.89 15.87 31.20
C ASN A 230 18.42 16.99 32.11
N GLY A 231 19.17 17.24 33.17
CA GLY A 231 18.83 18.27 34.12
C GLY A 231 18.15 19.48 33.50
N ASN A 232 18.65 19.88 32.33
CA ASN A 232 18.08 21.02 31.62
C ASN A 232 16.57 20.99 31.55
N LYS A 233 16.02 19.99 30.86
CA LYS A 233 14.58 19.89 30.70
C LYS A 233 13.84 19.00 31.72
N ARG A 234 14.57 18.38 32.64
CA ARG A 234 13.91 17.52 33.63
C ARG A 234 13.17 16.37 32.94
N GLU A 235 13.92 15.52 32.25
CA GLU A 235 13.37 14.38 31.53
C GLU A 235 14.45 13.33 31.35
N TYR A 236 14.06 12.10 31.03
CA TYR A 236 15.01 11.02 30.82
C TYR A 236 15.32 10.89 29.32
N LEU A 237 16.56 10.56 29.00
CA LEU A 237 16.96 10.46 27.60
C LEU A 237 17.55 9.09 27.27
N VAL A 238 17.42 8.68 26.00
CA VAL A 238 17.95 7.40 25.55
C VAL A 238 18.25 7.48 24.07
N GLU A 239 19.49 7.20 23.69
CA GLU A 239 19.83 7.25 22.28
C GLU A 239 19.24 6.00 21.62
N PHE A 240 18.39 6.23 20.61
CA PHE A 240 17.70 5.16 19.90
C PHE A 240 18.60 3.96 19.63
N ASN A 241 19.65 4.16 18.83
CA ASN A 241 20.57 3.08 18.52
C ASN A 241 21.07 2.27 19.72
N SER A 242 21.21 2.91 20.87
CA SER A 242 21.69 2.19 22.04
C SER A 242 20.71 1.13 22.51
N ILE A 243 19.45 1.20 22.08
CA ILE A 243 18.48 0.20 22.52
C ILE A 243 17.64 -0.39 21.38
N ARG A 244 18.17 -0.27 20.16
CA ARG A 244 17.54 -0.78 18.96
C ARG A 244 17.20 -2.26 19.08
N ASP A 245 18.09 -3.04 19.67
CA ASP A 245 17.87 -4.47 19.80
C ASP A 245 17.02 -4.85 21.00
N ALA A 246 16.11 -3.99 21.42
CA ALA A 246 15.26 -4.29 22.58
C ALA A 246 14.03 -3.39 22.69
N VAL A 247 14.17 -2.16 22.19
CA VAL A 247 13.08 -1.20 22.22
C VAL A 247 11.79 -1.77 21.63
N GLY A 248 11.94 -2.60 20.60
CA GLY A 248 10.78 -3.21 19.96
C GLY A 248 9.96 -4.00 20.95
N ILE A 249 10.53 -4.24 22.12
CA ILE A 249 9.85 -5.01 23.16
C ILE A 249 8.93 -4.11 23.97
N MSE A 250 9.28 -2.83 24.03
CA MSE A 250 8.50 -1.87 24.79
C MSE A 250 7.02 -1.96 24.44
O MSE A 250 6.62 -1.75 23.29
CB MSE A 250 8.98 -0.45 24.51
CG MSE A 250 8.06 0.62 25.09
SE MSE A 250 9.08 2.10 25.80
CE MSE A 250 9.35 3.13 24.22
N PRO A 251 6.18 -2.29 25.43
CA PRO A 251 4.74 -2.38 25.17
C PRO A 251 4.18 -1.01 24.80
N LEU A 252 3.20 -1.00 23.89
CA LEU A 252 2.59 0.24 23.44
C LEU A 252 2.10 1.11 24.59
N LYS A 253 1.58 0.47 25.63
CA LYS A 253 1.09 1.21 26.79
C LYS A 253 2.16 2.19 27.27
N GLU A 254 3.40 1.71 27.31
CA GLU A 254 4.52 2.53 27.76
C GLU A 254 5.04 3.43 26.66
N LEU A 255 5.01 2.95 25.43
CA LEU A 255 5.51 3.74 24.32
C LEU A 255 4.85 5.12 24.26
N LYS A 256 3.52 5.16 24.36
CA LYS A 256 2.75 6.41 24.34
C LYS A 256 3.41 7.56 25.12
N GLU A 257 3.95 7.25 26.28
CA GLU A 257 4.57 8.27 27.12
C GLU A 257 5.85 8.89 26.58
N TRP A 258 6.51 8.22 25.64
CA TRP A 258 7.77 8.73 25.08
C TRP A 258 7.64 9.65 23.87
N LYS A 259 8.75 10.25 23.47
CA LYS A 259 8.78 11.13 22.31
C LYS A 259 10.04 10.71 21.59
N ILE A 260 10.10 10.92 20.28
CA ILE A 260 11.27 10.50 19.53
C ILE A 260 11.67 11.54 18.50
N GLY A 261 12.96 11.86 18.48
CA GLY A 261 13.48 12.85 17.54
C GLY A 261 14.91 13.14 17.91
N THR A 262 15.30 14.41 17.94
CA THR A 262 16.67 14.75 18.30
C THR A 262 16.69 15.43 19.66
N LEU A 263 17.89 15.65 20.19
CA LEU A 263 18.03 16.29 21.50
C LEU A 263 17.64 17.78 21.42
N ASN A 264 18.26 18.51 20.49
CA ASN A 264 17.99 19.94 20.33
C ASN A 264 17.23 20.22 19.03
N GLY A 265 16.19 19.44 18.79
CA GLY A 265 15.42 19.61 17.58
C GLY A 265 14.00 19.12 17.75
N PHE A 266 13.35 18.82 16.63
CA PHE A 266 11.97 18.36 16.68
C PHE A 266 11.83 16.97 17.27
N ARG A 267 10.87 16.83 18.15
CA ARG A 267 10.61 15.57 18.82
C ARG A 267 9.17 15.19 18.45
N MSE A 268 8.95 13.94 18.08
CA MSE A 268 7.62 13.50 17.69
C MSE A 268 7.00 12.48 18.61
O MSE A 268 7.68 11.84 19.40
CB MSE A 268 7.64 12.90 16.29
CG MSE A 268 7.76 13.89 15.17
SE MSE A 268 7.19 13.08 13.51
CE MSE A 268 5.48 12.41 14.12
N ARG A 269 5.69 12.35 18.48
CA ARG A 269 4.96 11.38 19.25
C ARG A 269 5.16 10.09 18.44
N LYS A 270 5.54 9.02 19.13
CA LYS A 270 5.81 7.72 18.53
C LYS A 270 4.65 7.09 17.74
N LEU A 271 3.45 7.12 18.33
CA LEU A 271 2.28 6.56 17.67
C LEU A 271 1.42 7.65 17.02
N ILE A 272 1.31 7.59 15.70
CA ILE A 272 0.53 8.57 14.92
C ILE A 272 -0.78 7.97 14.38
N GLU A 273 -1.86 8.73 14.44
CA GLU A 273 -3.11 8.22 13.91
C GLU A 273 -3.29 8.80 12.54
N VAL A 274 -3.38 7.93 11.54
CA VAL A 274 -3.53 8.35 10.16
C VAL A 274 -4.86 9.08 9.97
N ASP A 275 -4.78 10.33 9.52
CA ASP A 275 -5.95 11.15 9.27
C ASP A 275 -5.78 11.74 7.89
N GLU A 276 -6.79 12.47 7.41
CA GLU A 276 -6.71 13.04 6.07
C GLU A 276 -5.61 14.07 5.83
N SER A 277 -5.23 14.80 6.87
CA SER A 277 -4.19 15.81 6.74
C SER A 277 -2.87 15.12 6.42
N LEU A 278 -2.58 14.05 7.18
CA LEU A 278 -1.35 13.29 6.99
C LEU A 278 -1.29 12.73 5.58
N ALA A 279 -2.36 12.05 5.17
CA ALA A 279 -2.42 11.46 3.84
C ALA A 279 -2.16 12.51 2.76
N LYS A 280 -2.87 13.63 2.84
CA LYS A 280 -2.69 14.68 1.84
C LYS A 280 -1.28 15.26 1.90
N LEU A 281 -0.69 15.27 3.09
CA LEU A 281 0.67 15.77 3.25
C LEU A 281 1.59 14.82 2.50
N LEU A 282 1.42 13.53 2.77
CA LEU A 282 2.23 12.52 2.13
C LEU A 282 2.01 12.58 0.63
N GLY A 283 0.80 12.94 0.21
CA GLY A 283 0.53 13.04 -1.20
C GLY A 283 1.43 14.10 -1.81
N TYR A 284 1.52 15.24 -1.14
CA TYR A 284 2.37 16.34 -1.59
C TYR A 284 3.80 15.88 -1.75
N TYR A 285 4.28 15.09 -0.79
CA TYR A 285 5.65 14.60 -0.85
C TYR A 285 5.87 13.61 -1.98
N VAL A 286 5.00 12.61 -2.10
CA VAL A 286 5.18 11.63 -3.15
C VAL A 286 5.34 12.33 -4.49
N SER A 287 4.54 13.36 -4.75
CA SER A 287 4.63 14.05 -6.02
C SER A 287 5.72 15.13 -6.13
N GLU A 288 5.66 16.15 -5.27
CA GLU A 288 6.63 17.23 -5.34
C GLU A 288 7.66 17.29 -4.20
N GLY A 289 7.83 16.19 -3.48
CA GLY A 289 8.77 16.22 -2.38
C GLY A 289 10.17 15.73 -2.65
N TYR A 290 11.15 16.42 -2.08
CA TYR A 290 12.56 16.06 -2.22
C TYR A 290 13.22 16.03 -0.85
N ALA A 291 13.85 14.91 -0.50
CA ALA A 291 14.51 14.76 0.79
C ALA A 291 16.01 14.86 0.58
N ARG A 292 16.65 15.80 1.28
CA ARG A 292 18.09 15.99 1.12
C ARG A 292 18.92 15.76 2.36
N LYS A 293 20.22 15.57 2.14
CA LYS A 293 21.22 15.38 3.19
C LYS A 293 22.46 16.11 2.71
N GLN A 294 22.71 17.33 3.19
CA GLN A 294 23.93 18.00 2.76
C GLN A 294 24.88 18.01 3.93
N ARG A 295 26.17 18.23 3.65
CA ARG A 295 27.21 18.20 4.71
C ARG A 295 27.21 19.36 5.75
N ASN A 296 27.02 20.61 5.30
CA ASN A 296 27.00 21.72 6.24
C ASN A 296 28.27 21.84 7.12
N PRO A 297 28.33 22.83 8.05
CA PRO A 297 29.47 23.07 8.96
C PRO A 297 30.50 21.96 8.97
N LYS A 298 30.49 21.15 10.03
CA LYS A 298 31.42 20.03 10.10
C LYS A 298 30.96 19.09 8.97
N ASN A 299 31.48 19.38 7.78
CA ASN A 299 31.18 18.65 6.53
C ASN A 299 30.55 17.27 6.63
N GLY A 300 29.23 17.22 6.77
CA GLY A 300 28.56 15.94 6.81
C GLY A 300 27.29 15.58 7.58
N TRP A 301 26.13 16.16 7.22
CA TRP A 301 24.79 15.80 7.77
C TRP A 301 23.74 16.65 8.47
N SER A 302 23.09 17.51 7.68
CA SER A 302 21.97 18.31 8.13
C SER A 302 20.91 17.70 7.20
N TYR A 303 19.77 17.25 7.75
CA TYR A 303 18.73 16.64 6.92
C TYR A 303 17.54 17.57 6.70
N SER A 304 16.92 17.49 5.53
CA SER A 304 15.77 18.34 5.25
C SER A 304 14.87 17.80 4.15
N VAL A 305 13.63 18.28 4.15
CA VAL A 305 12.64 17.88 3.17
C VAL A 305 11.99 19.12 2.57
N LYS A 306 12.05 19.25 1.25
CA LYS A 306 11.45 20.39 0.56
C LYS A 306 10.25 19.93 -0.27
N LEU A 307 9.19 20.71 -0.22
CA LEU A 307 7.97 20.41 -0.97
C LEU A 307 7.81 21.50 -2.02
N TYR A 308 8.31 21.24 -3.22
CA TYR A 308 8.27 22.21 -4.32
C TYR A 308 6.89 22.50 -4.90
N ASN A 309 6.78 23.65 -5.56
CA ASN A 309 5.54 24.10 -6.21
C ASN A 309 5.67 25.57 -6.64
N GLU A 310 5.37 25.83 -7.92
CA GLU A 310 5.44 27.17 -8.49
C GLU A 310 4.26 28.09 -8.24
N ASP A 311 3.29 27.66 -7.44
CA ASP A 311 2.11 28.49 -7.18
C ASP A 311 1.90 28.78 -5.70
N PRO A 312 1.81 30.07 -5.34
CA PRO A 312 1.61 30.52 -3.96
C PRO A 312 0.55 29.77 -3.16
N GLU A 313 -0.65 29.63 -3.71
CA GLU A 313 -1.74 28.95 -3.02
C GLU A 313 -1.34 27.57 -2.52
N VAL A 314 -0.76 26.76 -3.41
CA VAL A 314 -0.32 25.42 -3.04
C VAL A 314 0.67 25.48 -1.88
N LEU A 315 1.80 26.17 -2.10
CA LEU A 315 2.84 26.33 -1.08
C LEU A 315 2.25 26.76 0.25
N ASP A 316 1.16 27.51 0.23
CA ASP A 316 0.53 27.93 1.46
C ASP A 316 -0.08 26.72 2.13
N ASP A 317 -0.69 25.84 1.34
CA ASP A 317 -1.35 24.64 1.85
C ASP A 317 -0.33 23.63 2.37
N MSE A 318 0.77 23.48 1.65
CA MSE A 318 1.83 22.56 2.06
C MSE A 318 2.37 23.08 3.39
O MSE A 318 2.48 22.32 4.36
CB MSE A 318 2.93 22.50 1.02
CG MSE A 318 2.43 22.14 -0.37
SE MSE A 318 3.86 22.18 -1.66
CE MSE A 318 3.20 20.91 -3.00
N GLU A 319 2.70 24.37 3.43
CA GLU A 319 3.22 25.00 4.63
C GLU A 319 2.24 24.77 5.76
N ARG A 320 0.95 24.86 5.47
CA ARG A 320 -0.06 24.65 6.50
C ARG A 320 0.01 23.22 7.03
N LEU A 321 0.05 22.26 6.11
CA LEU A 321 0.08 20.85 6.47
C LEU A 321 1.38 20.35 7.07
N ALA A 322 2.50 20.82 6.54
CA ALA A 322 3.80 20.43 7.02
C ALA A 322 3.93 20.83 8.48
N SER A 323 3.64 22.10 8.77
CA SER A 323 3.73 22.63 10.12
C SER A 323 2.70 22.00 11.02
N ARG A 324 1.66 21.44 10.43
CA ARG A 324 0.60 20.80 11.22
C ARG A 324 1.14 19.59 11.97
N PHE A 325 2.14 18.92 11.40
CA PHE A 325 2.72 17.74 12.04
C PHE A 325 4.15 17.97 12.46
N PHE A 326 4.82 18.94 11.86
CA PHE A 326 6.23 19.19 12.20
C PHE A 326 6.56 20.59 12.72
N GLY A 327 5.66 21.18 13.51
CA GLY A 327 5.90 22.51 14.07
C GLY A 327 6.43 23.55 13.10
N LYS A 328 7.30 24.43 13.58
CA LYS A 328 7.87 25.47 12.75
C LYS A 328 8.43 24.91 11.44
N VAL A 329 8.15 25.61 10.35
CA VAL A 329 8.60 25.20 9.03
C VAL A 329 9.19 26.41 8.27
N ARG A 330 9.96 26.15 7.22
CA ARG A 330 10.56 27.24 6.43
C ARG A 330 9.92 27.44 5.06
N ARG A 331 9.44 28.65 4.82
CA ARG A 331 8.83 28.98 3.55
C ARG A 331 9.97 29.37 2.62
N GLY A 332 9.79 29.14 1.33
CA GLY A 332 10.84 29.48 0.39
C GLY A 332 10.26 30.16 -0.83
N ARG A 333 11.13 30.40 -1.82
CA ARG A 333 10.70 31.04 -3.05
C ARG A 333 9.63 30.14 -3.70
N ASN A 334 10.02 28.90 -3.99
CA ASN A 334 9.11 27.96 -4.63
C ASN A 334 9.12 26.63 -3.87
N TYR A 335 8.92 26.68 -2.57
CA TYR A 335 8.92 25.45 -1.78
C TYR A 335 8.64 25.66 -0.30
N VAL A 336 8.51 24.54 0.42
CA VAL A 336 8.28 24.53 1.87
C VAL A 336 9.28 23.50 2.40
N GLU A 337 10.08 23.90 3.38
CA GLU A 337 11.09 22.99 3.91
C GLU A 337 10.91 22.62 5.37
N ILE A 338 11.05 21.32 5.62
CA ILE A 338 10.96 20.76 6.96
C ILE A 338 12.40 20.28 7.18
N PRO A 339 13.22 21.09 7.90
CA PRO A 339 14.62 20.79 8.18
C PRO A 339 14.79 19.97 9.45
N LYS A 340 14.01 18.89 9.55
CA LYS A 340 14.06 18.05 10.73
C LYS A 340 14.36 16.58 10.44
N LYS A 341 15.34 16.04 11.16
CA LYS A 341 15.77 14.66 11.02
C LYS A 341 14.64 13.64 11.02
N ILE A 342 13.80 13.68 12.04
CA ILE A 342 12.71 12.71 12.12
C ILE A 342 11.62 12.91 11.07
N GLY A 343 11.48 14.12 10.55
CA GLY A 343 10.48 14.32 9.53
C GLY A 343 11.08 13.63 8.31
N TYR A 344 12.36 13.93 8.08
CA TYR A 344 13.10 13.33 6.98
C TYR A 344 13.03 11.79 7.04
N LEU A 345 13.24 11.24 8.23
CA LEU A 345 13.18 9.80 8.43
C LEU A 345 11.79 9.27 8.08
N LEU A 346 10.76 9.91 8.62
CA LEU A 346 9.39 9.49 8.37
C LEU A 346 9.09 9.45 6.87
N PHE A 347 9.31 10.56 6.17
CA PHE A 347 9.06 10.60 4.73
C PHE A 347 9.91 9.60 3.94
N GLU A 348 11.17 9.44 4.33
CA GLU A 348 12.06 8.50 3.64
C GLU A 348 11.53 7.07 3.65
N ASN A 349 11.12 6.61 4.83
CA ASN A 349 10.61 5.26 5.01
C ASN A 349 9.16 5.04 4.59
N MSE A 350 8.41 6.12 4.54
CA MSE A 350 7.02 6.06 4.15
C MSE A 350 6.87 6.05 2.62
O MSE A 350 6.21 5.17 2.07
CB MSE A 350 6.25 7.25 4.73
CG MSE A 350 6.01 7.19 6.22
SE MSE A 350 4.39 6.23 6.67
CE MSE A 350 5.10 4.43 6.78
N CYS A 351 7.52 7.00 1.95
CA CYS A 351 7.40 7.10 0.50
C CYS A 351 8.63 6.98 -0.37
N GLY A 352 9.81 6.91 0.23
CA GLY A 352 11.01 6.78 -0.58
C GLY A 352 11.69 8.11 -0.83
N VAL A 353 12.95 8.06 -1.24
CA VAL A 353 13.72 9.26 -1.49
C VAL A 353 13.85 9.60 -2.97
N LEU A 354 14.45 8.72 -3.75
CA LEU A 354 14.62 8.94 -5.19
C LEU A 354 13.32 8.88 -5.97
N ALA A 355 13.19 9.76 -6.96
CA ALA A 355 12.00 9.82 -7.79
C ALA A 355 11.56 8.45 -8.29
N GLU A 356 12.52 7.66 -8.76
CA GLU A 356 12.16 6.36 -9.30
C GLU A 356 11.82 5.32 -8.23
N ASN A 357 11.92 5.72 -6.96
CA ASN A 357 11.59 4.81 -5.87
C ASN A 357 10.42 5.32 -5.06
N LYS A 358 9.91 6.49 -5.44
CA LYS A 358 8.79 7.11 -4.75
C LYS A 358 7.64 6.09 -4.73
N ARG A 359 6.83 6.12 -3.68
CA ARG A 359 5.75 5.15 -3.59
C ARG A 359 4.66 5.57 -2.61
N ILE A 360 3.45 5.04 -2.82
CA ILE A 360 2.33 5.37 -1.95
C ILE A 360 2.51 4.59 -0.65
N PRO A 361 2.35 5.25 0.51
CA PRO A 361 2.52 4.46 1.72
C PRO A 361 1.45 3.37 1.77
N GLU A 362 1.86 2.21 2.25
CA GLU A 362 1.01 1.04 2.34
C GLU A 362 -0.35 1.22 3.01
N PHE A 363 -0.40 1.97 4.09
CA PHE A 363 -1.63 2.18 4.83
C PHE A 363 -2.72 2.89 4.05
N VAL A 364 -2.34 3.63 3.02
CA VAL A 364 -3.32 4.37 2.24
C VAL A 364 -4.35 3.47 1.55
N PHE A 365 -3.90 2.39 0.91
CA PHE A 365 -4.81 1.51 0.18
C PHE A 365 -5.99 0.98 0.96
N THR A 366 -5.80 0.63 2.22
CA THR A 366 -6.92 0.11 2.99
C THR A 366 -7.45 1.06 4.06
N SER A 367 -7.31 2.35 3.81
CA SER A 367 -7.79 3.38 4.73
C SER A 367 -9.18 3.82 4.29
N PRO A 368 -9.91 4.54 5.16
CA PRO A 368 -11.23 4.98 4.74
C PRO A 368 -11.11 5.84 3.49
N LYS A 369 -12.13 5.76 2.63
CA LYS A 369 -12.13 6.51 1.38
C LYS A 369 -11.75 7.99 1.55
N GLY A 370 -12.15 8.59 2.66
CA GLY A 370 -11.81 9.99 2.88
C GLY A 370 -10.30 10.19 2.83
N VAL A 371 -9.58 9.25 3.42
CA VAL A 371 -8.12 9.28 3.46
C VAL A 371 -7.51 8.93 2.11
N ARG A 372 -8.06 7.95 1.41
CA ARG A 372 -7.50 7.60 0.12
C ARG A 372 -7.59 8.81 -0.80
N LEU A 373 -8.73 9.47 -0.78
CA LEU A 373 -8.96 10.65 -1.61
C LEU A 373 -8.06 11.80 -1.18
N ALA A 374 -7.82 11.91 0.12
CA ALA A 374 -6.97 12.98 0.64
C ALA A 374 -5.57 12.84 0.02
N PHE A 375 -5.07 11.60 -0.01
CA PHE A 375 -3.76 11.35 -0.57
C PHE A 375 -3.78 11.74 -2.03
N LEU A 376 -4.69 11.13 -2.78
CA LEU A 376 -4.82 11.42 -4.20
C LEU A 376 -4.83 12.93 -4.48
N GLU A 377 -5.56 13.67 -3.65
CA GLU A 377 -5.65 15.11 -3.83
C GLU A 377 -4.31 15.79 -3.61
N GLY A 378 -3.60 15.38 -2.56
CA GLY A 378 -2.30 15.96 -2.29
C GLY A 378 -1.38 15.69 -3.46
N TYR A 379 -1.46 14.47 -4.01
CA TYR A 379 -0.63 14.07 -5.14
C TYR A 379 -0.96 14.85 -6.42
N PHE A 380 -2.23 14.85 -6.80
CA PHE A 380 -2.65 15.54 -8.02
C PHE A 380 -2.32 17.03 -7.97
N ILE A 381 -2.83 17.73 -6.96
CA ILE A 381 -2.56 19.14 -6.78
C ILE A 381 -1.06 19.45 -6.91
N GLY A 382 -0.26 18.80 -6.07
CA GLY A 382 1.17 19.02 -6.11
C GLY A 382 1.74 18.81 -7.50
N ASP A 383 1.32 17.73 -8.15
CA ASP A 383 1.78 17.41 -9.50
C ASP A 383 1.24 18.44 -10.50
N GLY A 384 0.28 19.25 -10.05
CA GLY A 384 -0.29 20.26 -10.92
C GLY A 384 -1.27 19.70 -11.93
N ASP A 385 -2.25 18.94 -11.46
CA ASP A 385 -3.24 18.32 -12.32
C ASP A 385 -4.65 18.68 -11.85
N VAL A 386 -4.82 19.89 -11.32
CA VAL A 386 -6.13 20.32 -10.82
C VAL A 386 -6.87 21.25 -11.77
N HIS A 387 -6.14 21.81 -12.73
CA HIS A 387 -6.71 22.73 -13.71
C HIS A 387 -6.50 22.13 -15.11
N PRO A 388 -7.22 21.03 -15.42
CA PRO A 388 -7.07 20.38 -16.73
C PRO A 388 -7.97 20.92 -17.84
N ASN A 389 -7.53 20.72 -19.08
CA ASN A 389 -8.27 21.16 -20.26
C ASN A 389 -8.57 19.93 -21.11
N LYS A 390 -8.31 18.77 -20.53
CA LYS A 390 -8.53 17.48 -21.16
C LYS A 390 -8.14 16.43 -20.10
N ARG A 391 -7.85 15.20 -20.54
CA ARG A 391 -7.47 14.15 -19.61
C ARG A 391 -6.17 14.51 -18.89
N LEU A 392 -6.02 14.03 -17.66
CA LEU A 392 -4.81 14.30 -16.89
C LEU A 392 -3.72 13.35 -17.39
N ARG A 393 -2.48 13.75 -17.17
CA ARG A 393 -1.34 12.95 -17.57
C ARG A 393 -0.35 13.01 -16.42
N LEU A 394 -0.22 11.90 -15.69
CA LEU A 394 0.70 11.80 -14.57
C LEU A 394 1.93 11.10 -15.08
N SER A 395 3.09 11.53 -14.62
CA SER A 395 4.35 10.94 -15.03
C SER A 395 5.15 10.52 -13.82
N THR A 396 5.83 9.39 -13.91
CA THR A 396 6.66 8.90 -12.82
C THR A 396 7.77 8.03 -13.38
N LYS A 397 8.86 7.94 -12.64
CA LYS A 397 9.97 7.11 -13.06
C LYS A 397 9.82 5.81 -12.29
N SER A 398 8.96 5.83 -11.28
CA SER A 398 8.69 4.67 -10.44
C SER A 398 7.55 3.83 -11.01
N GLU A 399 7.85 2.62 -11.50
CA GLU A 399 6.79 1.80 -12.06
C GLU A 399 5.90 1.26 -10.94
N LEU A 400 6.42 1.25 -9.73
CA LEU A 400 5.64 0.78 -8.59
C LEU A 400 4.52 1.78 -8.41
N LEU A 401 4.89 3.05 -8.33
CA LEU A 401 3.92 4.13 -8.15
C LEU A 401 2.83 4.09 -9.23
N ALA A 402 3.24 3.95 -10.48
CA ALA A 402 2.28 3.92 -11.56
C ALA A 402 1.24 2.84 -11.29
N ASN A 403 1.70 1.65 -10.91
CA ASN A 403 0.79 0.55 -10.62
C ASN A 403 -0.07 0.87 -9.41
N GLN A 404 0.53 1.46 -8.38
CA GLN A 404 -0.21 1.79 -7.17
C GLN A 404 -1.27 2.83 -7.46
N LEU A 405 -0.92 3.86 -8.21
CA LEU A 405 -1.87 4.90 -8.54
C LEU A 405 -3.10 4.25 -9.18
N VAL A 406 -2.86 3.41 -10.19
CA VAL A 406 -3.94 2.72 -10.88
C VAL A 406 -4.83 1.93 -9.91
N LEU A 407 -4.22 1.24 -8.96
CA LEU A 407 -5.00 0.48 -8.00
C LEU A 407 -5.73 1.39 -7.04
N LEU A 408 -5.08 2.48 -6.64
CA LEU A 408 -5.69 3.42 -5.71
C LEU A 408 -6.86 4.11 -6.38
N LEU A 409 -6.72 4.45 -7.65
CA LEU A 409 -7.79 5.11 -8.38
C LEU A 409 -8.98 4.16 -8.48
N ASN A 410 -8.73 2.94 -8.92
CA ASN A 410 -9.77 1.93 -9.05
C ASN A 410 -10.55 1.79 -7.74
N SER A 411 -9.81 1.81 -6.63
CA SER A 411 -10.42 1.65 -5.32
C SER A 411 -11.38 2.78 -4.92
N VAL A 412 -11.31 3.93 -5.60
CA VAL A 412 -12.19 5.04 -5.29
C VAL A 412 -13.21 5.30 -6.39
N GLY A 413 -13.39 4.32 -7.26
CA GLY A 413 -14.36 4.42 -8.33
C GLY A 413 -13.96 4.99 -9.68
N VAL A 414 -12.67 5.30 -9.86
CA VAL A 414 -12.21 5.85 -11.14
C VAL A 414 -11.87 4.68 -12.05
N SER A 415 -12.43 4.65 -13.25
CA SER A 415 -12.13 3.53 -14.14
C SER A 415 -11.51 3.95 -15.46
N ALA A 416 -11.81 5.18 -15.88
CA ALA A 416 -11.29 5.73 -17.13
C ALA A 416 -9.81 6.05 -16.93
N VAL A 417 -8.98 5.00 -16.95
CA VAL A 417 -7.57 5.18 -16.75
C VAL A 417 -6.82 4.53 -17.89
N LYS A 418 -5.66 5.09 -18.22
CA LYS A 418 -4.82 4.54 -19.27
C LYS A 418 -3.37 4.58 -18.82
N LEU A 419 -2.53 3.81 -19.50
CA LEU A 419 -1.14 3.73 -19.14
C LEU A 419 -0.23 3.90 -20.33
N GLY A 420 1.06 4.03 -20.01
CA GLY A 420 2.09 4.20 -21.00
C GLY A 420 3.42 4.33 -20.29
N HIS A 421 4.50 4.08 -21.03
CA HIS A 421 5.88 4.15 -20.54
C HIS A 421 6.64 4.49 -21.82
N ASP A 422 7.15 5.72 -21.93
CA ASP A 422 7.79 6.12 -23.18
C ASP A 422 9.28 6.41 -23.29
N SER A 423 9.93 6.83 -22.21
CA SER A 423 11.36 7.15 -22.27
C SER A 423 11.92 7.31 -20.86
N GLY A 424 11.91 6.17 -20.17
CA GLY A 424 12.35 6.10 -18.79
C GLY A 424 11.24 6.65 -17.91
N VAL A 425 10.05 6.83 -18.46
CA VAL A 425 8.92 7.37 -17.70
C VAL A 425 7.59 6.63 -17.89
N TYR A 426 6.84 6.52 -16.79
CA TYR A 426 5.54 5.88 -16.80
C TYR A 426 4.47 6.95 -16.75
N ARG A 427 3.42 6.77 -17.54
CA ARG A 427 2.32 7.73 -17.57
C ARG A 427 1.00 7.09 -17.20
N VAL A 428 0.21 7.80 -16.41
CA VAL A 428 -1.11 7.31 -16.04
C VAL A 428 -2.04 8.42 -16.52
N TYR A 429 -2.93 8.09 -17.45
CA TYR A 429 -3.86 9.09 -17.96
C TYR A 429 -5.21 8.87 -17.29
N ILE A 430 -5.88 9.96 -16.95
CA ILE A 430 -7.18 9.85 -16.30
C ILE A 430 -8.18 10.73 -17.02
N ASN A 431 -9.27 10.13 -17.50
CA ASN A 431 -10.27 10.92 -18.21
C ASN A 431 -11.68 10.88 -17.61
N GLU A 432 -11.78 11.23 -16.34
CA GLU A 432 -13.09 11.29 -15.69
C GLU A 432 -12.98 12.12 -14.42
N GLU A 433 -14.11 12.68 -14.01
CA GLU A 433 -14.18 13.52 -12.83
C GLU A 433 -13.65 12.91 -11.53
N LEU A 434 -13.10 13.78 -10.68
CA LEU A 434 -12.58 13.41 -9.36
C LEU A 434 -13.14 14.49 -8.44
N PRO A 435 -13.67 14.10 -7.26
CA PRO A 435 -14.23 15.11 -6.36
C PRO A 435 -13.44 16.43 -6.23
N PHE A 436 -12.14 16.40 -6.54
CA PHE A 436 -11.32 17.61 -6.44
C PHE A 436 -10.85 18.12 -7.78
N VAL A 437 -11.40 17.57 -8.86
CA VAL A 437 -11.07 17.97 -10.22
C VAL A 437 -12.27 17.73 -11.12
N LYS A 438 -12.62 18.72 -11.92
CA LYS A 438 -13.75 18.57 -12.82
C LYS A 438 -13.24 18.16 -14.19
N LEU A 439 -13.74 17.03 -14.67
CA LEU A 439 -13.33 16.51 -15.97
C LEU A 439 -14.57 15.85 -16.58
N ASP A 440 -14.81 16.12 -17.86
CA ASP A 440 -15.97 15.54 -18.52
C ASP A 440 -15.65 14.23 -19.22
N LYS A 441 -16.10 13.13 -18.61
CA LYS A 441 -15.90 11.79 -19.13
C LYS A 441 -16.59 11.58 -20.47
N LYS A 442 -17.67 12.33 -20.70
CA LYS A 442 -18.41 12.23 -21.95
C LYS A 442 -17.54 12.67 -23.13
N LYS A 443 -16.68 13.65 -22.87
CA LYS A 443 -15.77 14.19 -23.89
C LYS A 443 -14.57 13.28 -24.09
N ASN A 444 -14.46 12.70 -25.29
CA ASN A 444 -13.37 11.77 -25.65
C ASN A 444 -13.36 10.62 -24.64
N ALA A 445 -14.52 10.01 -24.44
CA ALA A 445 -14.69 8.93 -23.48
C ALA A 445 -13.71 7.78 -23.60
N TYR A 446 -13.44 7.14 -22.46
CA TYR A 446 -12.54 5.99 -22.38
C TYR A 446 -13.37 4.72 -22.40
N TYR A 447 -12.71 3.59 -22.65
CA TYR A 447 -13.34 2.28 -22.72
C TYR A 447 -14.30 1.99 -21.55
N SER A 448 -13.94 2.42 -20.35
CA SER A 448 -14.74 2.16 -19.16
C SER A 448 -16.11 2.82 -19.17
N HIS A 449 -16.25 3.89 -19.95
CA HIS A 449 -17.52 4.61 -20.00
C HIS A 449 -18.14 4.41 -21.37
N VAL A 450 -17.97 3.19 -21.89
CA VAL A 450 -18.50 2.83 -23.18
C VAL A 450 -18.78 1.32 -23.25
N ILE A 451 -19.87 0.99 -23.93
CA ILE A 451 -20.25 -0.40 -24.14
C ILE A 451 -19.81 -0.69 -25.57
N PRO A 452 -18.92 -1.67 -25.76
CA PRO A 452 -18.43 -2.02 -27.09
C PRO A 452 -19.60 -2.19 -28.07
N LYS A 453 -19.47 -1.63 -29.27
CA LYS A 453 -20.55 -1.76 -30.24
C LYS A 453 -20.73 -3.19 -30.73
N GLU A 454 -19.66 -3.98 -30.73
CA GLU A 454 -19.81 -5.37 -31.18
C GLU A 454 -20.70 -6.08 -30.20
N VAL A 455 -20.52 -5.78 -28.92
CA VAL A 455 -21.32 -6.42 -27.87
C VAL A 455 -22.78 -6.05 -28.05
N LEU A 456 -23.05 -4.77 -28.23
CA LEU A 456 -24.42 -4.32 -28.41
C LEU A 456 -24.94 -4.98 -29.67
N SER A 457 -24.16 -4.86 -30.73
CA SER A 457 -24.52 -5.44 -32.02
C SER A 457 -24.95 -6.89 -31.83
N GLU A 458 -24.05 -7.69 -31.27
CA GLU A 458 -24.33 -9.09 -31.03
C GLU A 458 -25.63 -9.32 -30.23
N VAL A 459 -25.66 -8.80 -29.00
CA VAL A 459 -26.79 -8.95 -28.11
C VAL A 459 -28.16 -8.54 -28.66
N PHE A 460 -28.22 -7.35 -29.26
CA PHE A 460 -29.48 -6.85 -29.78
C PHE A 460 -29.78 -7.15 -31.24
N GLY A 461 -28.82 -7.74 -31.95
CA GLY A 461 -29.04 -8.06 -33.35
C GLY A 461 -29.17 -6.85 -34.26
N LYS A 462 -29.10 -5.66 -33.67
CA LYS A 462 -29.16 -4.44 -34.46
C LYS A 462 -27.70 -4.07 -34.76
N VAL A 463 -27.51 -3.02 -35.55
CA VAL A 463 -26.17 -2.53 -35.86
C VAL A 463 -26.21 -1.13 -35.27
N PHE A 464 -25.22 -0.80 -34.46
CA PHE A 464 -25.21 0.48 -33.79
C PHE A 464 -24.34 1.59 -34.35
N GLN A 465 -24.95 2.76 -34.49
CA GLN A 465 -24.29 3.96 -35.00
C GLN A 465 -22.86 3.96 -34.49
N LYS A 466 -22.72 4.11 -33.18
CA LYS A 466 -21.42 4.13 -32.53
C LYS A 466 -21.50 3.43 -31.17
N ASN A 467 -20.69 3.89 -30.23
CA ASN A 467 -20.64 3.34 -28.89
C ASN A 467 -21.56 4.12 -27.94
N VAL A 468 -22.18 3.38 -27.03
CA VAL A 468 -23.10 3.94 -26.06
C VAL A 468 -22.52 3.84 -24.66
N SER A 469 -22.69 4.88 -23.85
CA SER A 469 -22.19 4.84 -22.49
C SER A 469 -23.13 3.97 -21.70
N PRO A 470 -22.70 3.49 -20.53
CA PRO A 470 -23.62 2.65 -19.76
C PRO A 470 -24.85 3.48 -19.38
N GLN A 471 -24.65 4.79 -19.28
CA GLN A 471 -25.69 5.75 -18.92
C GLN A 471 -26.78 5.79 -19.99
N THR A 472 -26.34 5.96 -21.23
CA THR A 472 -27.22 6.01 -22.39
C THR A 472 -27.77 4.61 -22.69
N PHE A 473 -27.23 3.61 -22.01
CA PHE A 473 -27.69 2.24 -22.19
C PHE A 473 -28.90 2.13 -21.27
N ARG A 474 -28.71 2.41 -19.99
CA ARG A 474 -29.80 2.35 -19.03
C ARG A 474 -31.01 3.11 -19.56
N LYS A 475 -30.76 4.26 -20.15
CA LYS A 475 -31.84 5.09 -20.68
C LYS A 475 -32.56 4.45 -21.86
N MSE A 476 -31.80 3.90 -22.81
CA MSE A 476 -32.42 3.27 -23.98
C MSE A 476 -33.33 2.10 -23.57
O MSE A 476 -34.26 1.74 -24.28
CB MSE A 476 -31.33 2.78 -24.95
CG MSE A 476 -30.49 3.90 -25.56
SE MSE A 476 -29.08 3.25 -26.71
CE MSE A 476 -29.44 4.24 -28.33
N VAL A 477 -33.04 1.51 -22.41
CA VAL A 477 -33.84 0.41 -21.89
C VAL A 477 -35.15 0.97 -21.35
N GLU A 478 -35.06 2.03 -20.56
CA GLU A 478 -36.25 2.63 -19.96
C GLU A 478 -37.25 3.27 -20.90
N ASP A 479 -36.93 3.45 -22.18
CA ASP A 479 -37.90 4.07 -23.13
C ASP A 479 -37.94 3.26 -24.44
N GLY A 480 -37.74 1.96 -24.25
CA GLY A 480 -37.79 0.97 -25.31
C GLY A 480 -36.80 1.01 -26.46
N ARG A 481 -35.78 1.85 -26.39
CA ARG A 481 -34.83 1.88 -27.51
C ARG A 481 -34.05 0.56 -27.56
N LEU A 482 -33.92 -0.08 -26.40
CA LEU A 482 -33.23 -1.37 -26.27
C LEU A 482 -34.19 -2.37 -25.64
N ASP A 483 -34.21 -3.58 -26.18
CA ASP A 483 -35.07 -4.63 -25.64
C ASP A 483 -34.68 -4.92 -24.20
N PRO A 484 -35.54 -4.62 -23.25
CA PRO A 484 -35.20 -4.89 -21.85
C PRO A 484 -34.90 -6.35 -21.48
N GLU A 485 -35.52 -7.29 -22.20
CA GLU A 485 -35.28 -8.70 -21.90
C GLU A 485 -33.89 -9.11 -22.42
N LYS A 486 -33.57 -8.66 -23.63
CA LYS A 486 -32.26 -8.96 -24.19
C LYS A 486 -31.22 -8.17 -23.43
N ALA A 487 -31.54 -6.91 -23.13
CA ALA A 487 -30.64 -6.04 -22.41
C ALA A 487 -30.17 -6.66 -21.11
N GLN A 488 -30.98 -7.51 -20.49
CA GLN A 488 -30.58 -8.11 -19.23
C GLN A 488 -29.38 -9.05 -19.37
N ARG A 489 -29.16 -9.57 -20.56
CA ARG A 489 -28.02 -10.46 -20.80
C ARG A 489 -26.72 -9.75 -20.42
N LEU A 490 -26.75 -8.43 -20.49
CA LEU A 490 -25.58 -7.62 -20.19
C LEU A 490 -25.62 -6.96 -18.82
N SER A 491 -26.57 -7.34 -17.96
CA SER A 491 -26.63 -6.70 -16.66
C SER A 491 -25.29 -6.82 -15.94
N TRP A 492 -24.57 -7.92 -16.19
CA TRP A 492 -23.29 -8.12 -15.54
C TRP A 492 -22.31 -7.03 -15.98
N LEU A 493 -22.40 -6.61 -17.24
CA LEU A 493 -21.51 -5.58 -17.77
C LEU A 493 -21.87 -4.17 -17.34
N ILE A 494 -23.16 -3.91 -17.17
CA ILE A 494 -23.60 -2.58 -16.77
C ILE A 494 -23.62 -2.47 -15.25
N GLU A 495 -23.99 -3.54 -14.58
CA GLU A 495 -24.09 -3.55 -13.13
C GLU A 495 -22.86 -4.04 -12.37
N GLY A 496 -22.00 -4.82 -13.03
CA GLY A 496 -20.82 -5.36 -12.38
C GLY A 496 -19.67 -4.38 -12.19
N ASP A 497 -18.54 -4.89 -11.71
CA ASP A 497 -17.36 -4.04 -11.50
C ASP A 497 -16.26 -4.33 -12.52
N VAL A 498 -16.66 -4.68 -13.72
CA VAL A 498 -15.73 -5.00 -14.79
C VAL A 498 -16.07 -4.21 -16.05
N VAL A 499 -15.04 -3.88 -16.82
CA VAL A 499 -15.23 -3.17 -18.08
C VAL A 499 -14.37 -3.88 -19.13
N LEU A 500 -14.69 -3.66 -20.40
CA LEU A 500 -13.96 -4.35 -21.44
C LEU A 500 -12.89 -3.51 -22.12
N ASP A 501 -11.64 -3.90 -21.94
CA ASP A 501 -10.52 -3.23 -22.57
C ASP A 501 -10.30 -4.09 -23.82
N ARG A 502 -9.50 -3.61 -24.76
CA ARG A 502 -9.32 -4.36 -26.01
C ARG A 502 -7.87 -4.65 -26.37
N VAL A 503 -7.60 -5.85 -26.88
CA VAL A 503 -6.26 -6.25 -27.26
C VAL A 503 -5.79 -5.44 -28.45
N GLU A 504 -4.60 -4.85 -28.30
CA GLU A 504 -4.00 -4.05 -29.37
C GLU A 504 -2.97 -4.88 -30.12
N SER A 505 -2.10 -5.54 -29.37
CA SER A 505 -1.06 -6.39 -29.95
C SER A 505 -0.81 -7.60 -29.08
N VAL A 506 -0.27 -8.64 -29.72
CA VAL A 506 0.04 -9.91 -29.06
C VAL A 506 1.41 -10.35 -29.54
N ASP A 507 2.34 -10.53 -28.61
CA ASP A 507 3.68 -10.97 -29.00
C ASP A 507 3.99 -12.34 -28.48
N VAL A 508 4.46 -13.19 -29.38
CA VAL A 508 4.80 -14.54 -29.05
C VAL A 508 6.30 -14.78 -29.00
N GLU A 509 6.71 -15.50 -27.96
CA GLU A 509 8.12 -15.85 -27.72
C GLU A 509 8.18 -17.29 -27.24
N ASP A 510 9.40 -17.79 -27.20
CA ASP A 510 9.67 -19.13 -26.72
C ASP A 510 10.22 -18.90 -25.35
N TYR A 511 9.73 -19.67 -24.40
CA TYR A 511 10.15 -19.55 -23.03
C TYR A 511 10.55 -20.88 -22.39
N ASP A 512 11.60 -20.79 -21.59
CA ASP A 512 12.16 -21.92 -20.87
C ASP A 512 12.38 -21.52 -19.41
N GLY A 513 11.51 -21.99 -18.53
CA GLY A 513 11.63 -21.63 -17.13
C GLY A 513 10.41 -21.96 -16.30
N TYR A 514 10.34 -21.33 -15.13
CA TYR A 514 9.24 -21.50 -14.19
C TYR A 514 8.10 -20.56 -14.56
N VAL A 515 6.87 -21.07 -14.50
CA VAL A 515 5.69 -20.25 -14.74
C VAL A 515 4.84 -20.44 -13.49
N TYR A 516 4.05 -19.43 -13.13
CA TYR A 516 3.27 -19.53 -11.91
C TYR A 516 1.77 -19.42 -12.04
N ASP A 517 1.10 -19.78 -10.95
CA ASP A 517 -0.35 -19.70 -10.89
C ASP A 517 -0.85 -19.71 -9.44
N LEU A 518 -2.13 -19.37 -9.28
CA LEU A 518 -2.76 -19.35 -7.97
C LEU A 518 -4.06 -20.12 -8.00
N SER A 519 -4.54 -20.48 -6.83
CA SER A 519 -5.82 -21.15 -6.71
C SER A 519 -6.56 -20.19 -5.82
N VAL A 520 -7.65 -19.62 -6.34
CA VAL A 520 -8.41 -18.64 -5.58
C VAL A 520 -9.79 -19.18 -5.21
N GLU A 521 -10.12 -19.06 -3.91
CA GLU A 521 -11.38 -19.55 -3.40
C GLU A 521 -12.60 -18.93 -4.08
N ASP A 522 -13.53 -19.79 -4.46
CA ASP A 522 -14.81 -19.42 -5.09
C ASP A 522 -14.82 -18.87 -6.52
N ASN A 523 -14.13 -17.75 -6.74
CA ASN A 523 -14.12 -17.13 -8.05
C ASN A 523 -13.12 -17.68 -9.04
N GLU A 524 -12.05 -18.29 -8.57
CA GLU A 524 -11.06 -18.88 -9.46
C GLU A 524 -10.39 -17.90 -10.43
N ASN A 525 -10.27 -16.63 -10.03
CA ASN A 525 -9.61 -15.62 -10.85
C ASN A 525 -8.97 -14.53 -9.99
N PHE A 526 -8.10 -13.73 -10.58
CA PHE A 526 -7.41 -12.68 -9.84
C PHE A 526 -6.80 -11.65 -10.78
N LEU A 527 -6.32 -10.56 -10.22
CA LEU A 527 -5.71 -9.49 -11.01
C LEU A 527 -4.19 -9.62 -11.15
N VAL A 528 -3.68 -9.38 -12.35
CA VAL A 528 -2.24 -9.42 -12.65
C VAL A 528 -1.95 -8.53 -13.85
N GLY A 529 -0.68 -8.25 -14.07
CA GLY A 529 -0.28 -7.42 -15.19
C GLY A 529 -0.10 -5.96 -14.85
N PHE A 530 0.48 -5.23 -15.79
CA PHE A 530 0.73 -3.80 -15.64
C PHE A 530 -0.60 -3.11 -15.82
N GLY A 531 -1.11 -2.46 -14.78
CA GLY A 531 -2.39 -1.79 -14.92
C GLY A 531 -3.56 -2.63 -14.41
N LEU A 532 -3.28 -3.88 -14.07
CA LEU A 532 -4.28 -4.78 -13.54
C LEU A 532 -5.19 -5.39 -14.62
N VAL A 533 -5.12 -6.71 -14.78
CA VAL A 533 -5.93 -7.44 -15.76
C VAL A 533 -6.46 -8.74 -15.12
N TYR A 534 -7.75 -9.01 -15.28
CA TYR A 534 -8.32 -10.24 -14.70
C TYR A 534 -7.82 -11.45 -15.45
N ALA A 535 -7.40 -12.46 -14.70
CA ALA A 535 -6.91 -13.71 -15.27
C ALA A 535 -7.55 -14.84 -14.49
N HIS A 536 -7.88 -15.92 -15.20
CA HIS A 536 -8.49 -17.09 -14.60
C HIS A 536 -7.39 -17.86 -13.86
N ASN A 537 -7.64 -18.24 -12.61
CA ASN A 537 -6.62 -18.94 -11.82
C ASN A 537 -6.16 -20.27 -12.45
S SO4 B . -0.17 -24.11 -20.53
O1 SO4 B . 0.63 -23.14 -21.28
O2 SO4 B . -1.11 -24.80 -21.46
O3 SO4 B . -0.94 -23.42 -19.48
O4 SO4 B . 0.73 -25.10 -19.91
S SO4 C . -23.13 -15.76 -5.46
O1 SO4 C . -23.35 -14.30 -5.56
O2 SO4 C . -24.39 -16.47 -5.77
O3 SO4 C . -22.70 -16.08 -4.09
O4 SO4 C . -22.08 -16.18 -6.41
S SO4 D . 3.80 3.80 36.93
O1 SO4 D . 3.98 3.31 35.55
O2 SO4 D . 2.40 3.58 37.34
O3 SO4 D . 4.15 5.23 37.00
O4 SO4 D . 4.69 3.04 37.85
S SO4 E . -2.53 -3.85 45.84
O1 SO4 E . -2.58 -3.48 44.42
O2 SO4 E . -3.52 -4.90 46.12
O3 SO4 E . -2.81 -2.65 46.67
O4 SO4 E . -1.19 -4.35 46.18
S SO4 F . 16.14 18.60 13.93
O1 SO4 F . 16.97 18.22 12.75
O2 SO4 F . 14.81 17.97 13.85
O3 SO4 F . 15.98 20.06 13.95
O4 SO4 F . 16.81 18.16 15.16
S SO4 G . -21.21 5.81 -17.25
O1 SO4 G . -20.84 7.22 -17.51
O2 SO4 G . -22.11 5.36 -18.33
O3 SO4 G . -21.93 5.73 -15.96
O4 SO4 G . -20.00 4.98 -17.20
S SO4 H . -3.23 7.49 -24.68
O1 SO4 H . -4.23 7.04 -25.65
O2 SO4 H . -3.72 8.71 -24.01
O3 SO4 H . -1.95 7.78 -25.36
O4 SO4 H . -3.01 6.43 -23.66
S SO4 I . 6.13 -2.83 -23.56
O1 SO4 I . 4.77 -3.38 -23.42
O2 SO4 I . 6.19 -1.50 -22.92
O3 SO4 I . 6.48 -2.71 -24.99
O4 SO4 I . 7.08 -3.75 -22.91
C1 GOL J . 8.46 3.11 30.65
O1 GOL J . 9.26 3.45 29.50
C2 GOL J . 7.80 4.38 31.19
O2 GOL J . 6.89 4.85 30.21
C3 GOL J . 7.12 4.12 32.46
O3 GOL J . 5.86 3.39 32.18
C1 GOL K . 10.14 -23.19 27.90
O1 GOL K . 10.75 -24.42 27.45
C2 GOL K . 10.97 -22.01 27.41
O2 GOL K . 10.07 -21.03 26.87
C3 GOL K . 11.81 -21.45 28.48
O3 GOL K . 10.99 -20.53 29.31
C1 GOL L . 5.54 -19.61 31.29
O1 GOL L . 5.24 -18.53 32.19
C2 GOL L . 5.89 -19.00 29.93
O2 GOL L . 7.13 -18.33 30.07
C3 GOL L . 5.94 -20.02 28.89
O3 GOL L . 6.04 -19.33 27.58
C1 GOL M . 21.53 -1.11 9.13
O1 GOL M . 22.63 -1.56 8.33
C2 GOL M . 21.49 -1.91 10.45
O2 GOL M . 22.73 -1.71 11.13
C3 GOL M . 20.35 -1.47 11.28
O3 GOL M . 20.34 -2.32 12.51
#